data_2YJ9
#
_entry.id   2YJ9
#
_cell.length_a   45.992
_cell.length_b   57.153
_cell.length_c   76.589
_cell.angle_alpha   90.00
_cell.angle_beta   90.00
_cell.angle_gamma   90.00
#
_symmetry.space_group_name_H-M   'P 21 21 21'
#
loop_
_entity.id
_entity.type
_entity.pdbx_description
1 polymer 'CATHEPSIN L1'
2 non-polymer (2S,4R)-4-(2-chlorophenyl)sulfonyl-N-[1-(iminomethyl)cyclopropyl]-1-[1-[4-(trifluoromethyl)phenyl]cyclopropyl]carbonyl-pyrrolidine-2-carboxamide
3 non-polymer GLYCEROL
4 water water
#
_entity_poly.entity_id   1
_entity_poly.type   'polypeptide(L)'
_entity_poly.pdbx_seq_one_letter_code
;APRSVDWREKGYVTPVKNQGQCGSCWAFSATGALEGQMFRKTGRLISLSEQNLVDCSGPQGNEGCNGGLMDYAFQYVQDN
GGLDSEESYPYEATEESCKYNPKYSVANDTGFVDIPKQEKALMKAVATVGPISVAIDAGHESFLFYKEGIYFEPDCSSED
MDHGVLVVGYGFESTESDNNKYWLVKNSWGEEWGMGGYVKMAKDRRNHCGIASAASYPTV
;
_entity_poly.pdbx_strand_id   A
#
loop_
_chem_comp.id
_chem_comp.type
_chem_comp.name
_chem_comp.formula
GOL non-polymer GLYCEROL 'C3 H8 O3'
YJ9 non-polymer (2S,4R)-4-(2-chlorophenyl)sulfonyl-N-[1-(iminomethyl)cyclopropyl]-1-[1-[4-(trifluoromethyl)phenyl]cyclopropyl]carbonyl-pyrrolidine-2-carboxamide 'C26 H25 Cl F3 N3 O4 S'
#
# COMPACT_ATOMS: atom_id res chain seq x y z
N ALA A 1 14.72 -8.43 -14.58
CA ALA A 1 13.24 -8.21 -14.39
C ALA A 1 12.61 -7.81 -15.72
N PRO A 2 11.28 -8.03 -15.88
CA PRO A 2 10.56 -7.48 -17.04
C PRO A 2 10.73 -5.97 -17.14
N ARG A 3 10.61 -5.42 -18.34
CA ARG A 3 10.66 -3.96 -18.52
C ARG A 3 9.44 -3.24 -17.93
N SER A 4 8.33 -3.95 -17.84
N SER A 4 8.32 -3.96 -17.85
CA SER A 4 7.13 -3.42 -17.22
CA SER A 4 7.08 -3.42 -17.31
C SER A 4 6.35 -4.53 -16.54
C SER A 4 6.32 -4.52 -16.58
N VAL A 5 5.66 -4.13 -15.48
CA VAL A 5 4.85 -5.03 -14.67
C VAL A 5 3.61 -4.26 -14.27
N ASP A 6 2.46 -4.93 -14.30
CA ASP A 6 1.24 -4.37 -13.78
C ASP A 6 0.41 -5.51 -13.21
N TRP A 7 0.41 -5.61 -11.88
CA TRP A 7 -0.29 -6.69 -11.20
C TRP A 7 -1.79 -6.58 -11.25
N ARG A 8 -2.33 -5.41 -11.61
CA ARG A 8 -3.77 -5.28 -11.79
C ARG A 8 -4.24 -6.19 -12.92
N GLU A 9 -3.42 -6.30 -13.97
CA GLU A 9 -3.72 -7.17 -15.11
C GLU A 9 -3.79 -8.68 -14.78
N LYS A 10 -3.22 -9.08 -13.66
CA LYS A 10 -3.17 -10.48 -13.26
C LYS A 10 -4.17 -10.79 -12.13
N GLY A 11 -4.99 -9.79 -11.76
CA GLY A 11 -6.06 -10.01 -10.79
C GLY A 11 -5.68 -9.86 -9.32
N TYR A 12 -4.53 -9.24 -9.05
CA TYR A 12 -3.99 -9.14 -7.69
C TYR A 12 -4.53 -7.94 -6.87
N VAL A 13 -5.27 -7.04 -7.52
CA VAL A 13 -5.57 -5.71 -6.96
C VAL A 13 -7.06 -5.41 -6.91
N THR A 14 -7.54 -5.05 -5.73
CA THR A 14 -8.93 -4.62 -5.56
C THR A 14 -9.10 -3.21 -6.11
N PRO A 15 -10.37 -2.80 -6.32
CA PRO A 15 -10.57 -1.40 -6.70
C PRO A 15 -10.03 -0.41 -5.67
N VAL A 16 -9.79 0.82 -6.13
CA VAL A 16 -9.34 1.93 -5.29
C VAL A 16 -10.40 2.25 -4.22
N LYS A 17 -9.91 2.43 -3.00
CA LYS A 17 -10.72 2.71 -1.82
C LYS A 17 -10.43 4.16 -1.37
N ASN A 18 -11.18 4.64 -0.38
CA ASN A 18 -11.07 6.00 0.09
C ASN A 18 -11.03 6.02 1.61
N GLN A 19 -9.89 6.40 2.16
CA GLN A 19 -9.66 6.45 3.59
C GLN A 19 -10.47 7.54 4.30
N GLY A 20 -10.97 8.50 3.54
CA GLY A 20 -11.72 9.60 4.12
C GLY A 20 -10.85 10.44 5.05
N GLN A 21 -11.47 11.08 6.04
CA GLN A 21 -10.77 11.95 6.98
C GLN A 21 -10.32 11.18 8.24
N CYS A 22 -9.58 10.11 8.01
CA CYS A 22 -8.94 9.31 9.02
C CYS A 22 -7.54 9.03 8.52
N GLY A 23 -6.56 9.17 9.40
CA GLY A 23 -5.15 8.94 9.06
C GLY A 23 -4.77 7.49 9.03
N SER A 24 -5.43 6.75 8.13
CA SER A 24 -5.32 5.29 8.04
C SER A 24 -4.69 4.81 6.76
N CYS A 25 -3.94 5.68 6.10
CA CYS A 25 -3.26 5.31 4.86
C CYS A 25 -2.48 4.01 5.03
N TRP A 26 -1.76 3.87 6.15
CA TRP A 26 -1.01 2.65 6.48
C TRP A 26 -1.85 1.38 6.42
N ALA A 27 -3.11 1.47 6.82
CA ALA A 27 -3.97 0.31 6.85
C ALA A 27 -4.37 -0.10 5.43
N PHE A 28 -4.62 0.88 4.56
CA PHE A 28 -4.91 0.64 3.13
C PHE A 28 -3.72 0.08 2.39
N SER A 29 -2.55 0.60 2.71
CA SER A 29 -1.33 0.05 2.12
C SER A 29 -1.16 -1.43 2.51
N ALA A 30 -1.38 -1.72 3.79
CA ALA A 30 -1.20 -3.08 4.32
C ALA A 30 -2.24 -4.04 3.75
N THR A 31 -3.51 -3.64 3.76
CA THR A 31 -4.55 -4.50 3.15
C THR A 31 -4.27 -4.73 1.67
N GLY A 32 -3.76 -3.72 0.97
CA GLY A 32 -3.42 -3.87 -0.46
C GLY A 32 -2.35 -4.94 -0.67
N ALA A 33 -1.31 -4.89 0.15
CA ALA A 33 -0.22 -5.85 0.02
C ALA A 33 -0.74 -7.26 0.37
N LEU A 34 -1.54 -7.35 1.43
N LEU A 34 -1.53 -7.35 1.45
CA LEU A 34 -2.02 -8.66 1.86
CA LEU A 34 -2.08 -8.63 1.89
C LEU A 34 -3.05 -9.24 0.88
C LEU A 34 -3.04 -9.24 0.86
N GLU A 35 -3.88 -8.39 0.27
CA GLU A 35 -4.85 -8.77 -0.78
C GLU A 35 -4.10 -9.44 -1.95
N GLY A 36 -2.93 -8.87 -2.28
CA GLY A 36 -2.09 -9.38 -3.35
C GLY A 36 -1.53 -10.74 -3.01
N GLN A 37 -1.02 -10.86 -1.79
CA GLN A 37 -0.35 -12.11 -1.41
C GLN A 37 -1.33 -13.25 -1.17
N MET A 38 -2.48 -12.92 -0.60
CA MET A 38 -3.54 -13.92 -0.47
C MET A 38 -4.00 -14.38 -1.86
N PHE A 39 -4.08 -13.46 -2.82
CA PHE A 39 -4.49 -13.84 -4.17
C PHE A 39 -3.46 -14.79 -4.78
N ARG A 40 -2.17 -14.51 -4.60
CA ARG A 40 -1.12 -15.42 -5.10
C ARG A 40 -1.26 -16.82 -4.48
N LYS A 41 -1.62 -16.85 -3.20
CA LYS A 41 -1.70 -18.10 -2.44
C LYS A 41 -2.92 -18.95 -2.79
N THR A 42 -4.09 -18.32 -2.90
CA THR A 42 -5.36 -19.05 -3.03
C THR A 42 -6.10 -18.90 -4.36
N GLY A 43 -5.72 -17.91 -5.16
CA GLY A 43 -6.43 -17.55 -6.38
C GLY A 43 -7.73 -16.76 -6.16
N ARG A 44 -7.93 -16.27 -4.93
CA ARG A 44 -9.16 -15.55 -4.56
C ARG A 44 -8.81 -14.14 -4.12
N LEU A 45 -9.35 -13.16 -4.83
CA LEU A 45 -9.17 -11.76 -4.47
C LEU A 45 -10.29 -11.38 -3.54
N ILE A 46 -9.98 -11.10 -2.27
CA ILE A 46 -11.00 -10.75 -1.29
C ILE A 46 -10.58 -9.43 -0.62
N SER A 47 -11.46 -8.46 -0.67
CA SER A 47 -11.19 -7.18 -0.05
C SER A 47 -11.13 -7.33 1.47
N LEU A 48 -10.10 -6.73 2.06
CA LEU A 48 -9.75 -6.88 3.51
C LEU A 48 -10.14 -5.63 4.29
N SER A 49 -10.37 -5.83 5.60
CA SER A 49 -10.88 -4.79 6.48
C SER A 49 -9.81 -3.84 7.03
N GLU A 50 -9.76 -2.62 6.48
CA GLU A 50 -8.92 -1.59 7.09
C GLU A 50 -9.41 -1.24 8.48
N GLN A 51 -10.72 -1.28 8.69
CA GLN A 51 -11.27 -0.93 9.99
C GLN A 51 -10.75 -1.85 11.09
N ASN A 52 -10.65 -3.13 10.77
CA ASN A 52 -10.09 -4.13 11.70
C ASN A 52 -8.68 -3.72 12.15
N LEU A 53 -7.84 -3.28 11.19
CA LEU A 53 -6.51 -2.77 11.52
C LEU A 53 -6.53 -1.49 12.37
N VAL A 54 -7.36 -0.55 11.97
CA VAL A 54 -7.48 0.71 12.68
C VAL A 54 -7.89 0.49 14.15
N ASP A 55 -8.87 -0.38 14.35
CA ASP A 55 -9.47 -0.57 15.66
C ASP A 55 -8.63 -1.44 16.58
N CYS A 56 -7.80 -2.34 16.03
CA CYS A 56 -7.25 -3.47 16.81
C CYS A 56 -5.74 -3.59 16.93
N SER A 57 -4.98 -2.85 16.12
CA SER A 57 -3.54 -3.02 16.07
C SER A 57 -2.75 -2.02 16.93
N GLY A 58 -3.41 -1.47 17.94
CA GLY A 58 -2.72 -0.66 18.94
C GLY A 58 -1.57 -1.35 19.68
N PRO A 59 -1.77 -2.61 20.09
CA PRO A 59 -0.68 -3.31 20.79
C PRO A 59 0.59 -3.41 19.98
N GLN A 60 0.45 -3.48 18.66
CA GLN A 60 1.59 -3.57 17.75
C GLN A 60 2.24 -2.24 17.46
N GLY A 61 1.59 -1.14 17.87
CA GLY A 61 2.22 0.18 17.80
C GLY A 61 1.46 1.16 16.94
N ASN A 62 0.37 0.73 16.30
CA ASN A 62 -0.38 1.63 15.44
C ASN A 62 -1.25 2.58 16.24
N GLU A 63 -1.57 3.72 15.64
CA GLU A 63 -2.29 4.79 16.30
C GLU A 63 -3.57 5.18 15.57
N GLY A 64 -4.28 4.19 15.01
CA GLY A 64 -5.63 4.36 14.49
C GLY A 64 -5.71 5.37 13.36
N CYS A 65 -6.54 6.39 13.55
CA CYS A 65 -6.64 7.49 12.60
C CYS A 65 -5.55 8.57 12.71
N ASN A 66 -4.58 8.35 13.61
CA ASN A 66 -3.44 9.26 13.75
C ASN A 66 -2.14 8.67 13.21
N GLY A 67 -2.22 7.63 12.39
CA GLY A 67 -1.06 7.10 11.71
C GLY A 67 -0.67 5.72 12.19
N GLY A 68 0.31 5.14 11.52
CA GLY A 68 0.75 3.79 11.82
C GLY A 68 1.68 3.27 10.75
N LEU A 69 2.14 2.04 10.93
CA LEU A 69 3.11 1.43 10.02
C LEU A 69 2.56 0.15 9.41
N MET A 70 2.83 -0.03 8.15
CA MET A 70 2.43 -1.27 7.48
C MET A 70 2.99 -2.53 8.17
N ASP A 71 4.27 -2.47 8.59
CA ASP A 71 4.88 -3.63 9.26
C ASP A 71 4.18 -3.94 10.59
N TYR A 72 3.77 -2.91 11.32
CA TYR A 72 2.97 -3.14 12.53
C TYR A 72 1.63 -3.80 12.19
N ALA A 73 1.01 -3.40 11.08
CA ALA A 73 -0.22 -4.08 10.60
C ALA A 73 0.03 -5.56 10.30
N PHE A 74 1.10 -5.85 9.56
CA PHE A 74 1.42 -7.24 9.25
C PHE A 74 1.68 -8.04 10.53
N GLN A 75 2.31 -7.41 11.52
CA GLN A 75 2.58 -8.07 12.80
C GLN A 75 1.25 -8.36 13.53
N TYR A 76 0.33 -7.40 13.47
CA TYR A 76 -0.98 -7.64 14.06
C TYR A 76 -1.64 -8.87 13.47
N VAL A 77 -1.66 -8.96 12.15
CA VAL A 77 -2.31 -10.07 11.52
C VAL A 77 -1.73 -11.41 12.00
N GLN A 78 -0.40 -11.46 12.13
CA GLN A 78 0.27 -12.67 12.58
C GLN A 78 -0.09 -12.96 14.05
N ASP A 79 0.04 -11.95 14.91
CA ASP A 79 -0.26 -12.10 16.34
C ASP A 79 -1.71 -12.53 16.53
N ASN A 80 -2.58 -11.90 15.75
CA ASN A 80 -4.02 -12.09 15.87
C ASN A 80 -4.53 -13.41 15.31
N GLY A 81 -3.76 -14.01 14.41
CA GLY A 81 -4.20 -15.21 13.71
C GLY A 81 -5.22 -15.05 12.60
N GLY A 82 -5.42 -13.82 12.16
CA GLY A 82 -6.39 -13.56 11.12
C GLY A 82 -6.66 -12.07 10.92
N LEU A 83 -7.42 -11.83 9.85
CA LEU A 83 -7.91 -10.50 9.52
C LEU A 83 -9.27 -10.65 8.81
N ASP A 84 -10.25 -9.86 9.26
CA ASP A 84 -11.56 -9.93 8.70
C ASP A 84 -11.67 -9.34 7.29
N SER A 85 -12.64 -9.83 6.57
CA SER A 85 -13.00 -9.28 5.25
C SER A 85 -13.58 -7.86 5.42
N GLU A 86 -13.40 -7.03 4.40
CA GLU A 86 -14.11 -5.75 4.28
C GLU A 86 -15.62 -5.91 4.50
N GLU A 87 -16.23 -6.89 3.82
CA GLU A 87 -17.68 -7.13 3.92
C GLU A 87 -18.13 -7.33 5.37
N SER A 88 -17.32 -8.08 6.14
CA SER A 88 -17.69 -8.44 7.50
C SER A 88 -17.43 -7.34 8.53
N TYR A 89 -16.51 -6.44 8.21
CA TYR A 89 -16.03 -5.46 9.17
C TYR A 89 -15.79 -4.18 8.35
N PRO A 90 -16.88 -3.49 7.99
CA PRO A 90 -16.80 -2.39 7.02
C PRO A 90 -16.10 -1.15 7.52
N TYR A 91 -15.63 -0.32 6.58
CA TYR A 91 -14.81 0.84 6.91
C TYR A 91 -15.67 2.00 7.41
N GLU A 92 -15.29 2.59 8.55
CA GLU A 92 -16.04 3.66 9.20
C GLU A 92 -15.30 5.02 9.22
N ALA A 93 -14.00 5.01 8.95
CA ALA A 93 -13.16 6.22 8.93
C ALA A 93 -13.07 6.92 10.30
N THR A 94 -13.31 6.17 11.38
CA THR A 94 -13.10 6.65 12.75
C THR A 94 -12.52 5.52 13.59
N GLU A 95 -11.75 5.84 14.63
CA GLU A 95 -11.21 4.80 15.50
C GLU A 95 -12.29 4.35 16.48
N GLU A 96 -12.52 3.04 16.54
CA GLU A 96 -13.60 2.46 17.36
C GLU A 96 -13.03 1.29 18.16
N SER A 97 -13.81 0.71 19.06
CA SER A 97 -13.36 -0.46 19.80
C SER A 97 -13.13 -1.62 18.84
N CYS A 98 -12.20 -2.49 19.20
CA CYS A 98 -11.88 -3.65 18.36
C CYS A 98 -13.04 -4.63 18.31
N LYS A 99 -13.49 -4.96 17.10
CA LYS A 99 -14.64 -5.86 16.90
C LYS A 99 -14.25 -7.05 16.04
N TYR A 100 -12.96 -7.42 16.06
CA TYR A 100 -12.51 -8.59 15.31
C TYR A 100 -13.31 -9.83 15.65
N ASN A 101 -13.79 -10.51 14.59
CA ASN A 101 -14.49 -11.78 14.72
C ASN A 101 -13.80 -12.84 13.88
N PRO A 102 -13.22 -13.86 14.53
CA PRO A 102 -12.42 -14.84 13.81
C PRO A 102 -13.25 -15.67 12.81
N LYS A 103 -14.56 -15.75 13.03
CA LYS A 103 -15.44 -16.44 12.10
C LYS A 103 -15.30 -15.89 10.69
N TYR A 104 -15.00 -14.59 10.57
CA TYR A 104 -14.99 -13.94 9.25
C TYR A 104 -13.58 -13.57 8.81
N SER A 105 -12.59 -14.20 9.45
CA SER A 105 -11.23 -14.06 8.99
C SER A 105 -11.11 -14.71 7.62
N VAL A 106 -10.48 -13.97 6.69
CA VAL A 106 -10.19 -14.48 5.34
C VAL A 106 -8.71 -14.31 4.89
N ALA A 107 -7.87 -13.82 5.79
CA ALA A 107 -6.45 -13.61 5.48
C ALA A 107 -5.62 -13.92 6.72
N ASN A 108 -4.36 -14.30 6.49
N ASN A 108 -4.36 -14.27 6.46
CA ASN A 108 -3.39 -14.49 7.56
CA ASN A 108 -3.37 -14.56 7.49
C ASN A 108 -2.03 -14.11 7.01
C ASN A 108 -2.01 -14.15 6.99
N ASP A 109 -1.06 -13.94 7.89
CA ASP A 109 0.33 -13.83 7.49
C ASP A 109 1.25 -14.37 8.57
N THR A 110 2.45 -14.68 8.13
CA THR A 110 3.44 -15.39 8.90
C THR A 110 4.66 -14.50 9.19
N GLY A 111 4.51 -13.21 8.96
CA GLY A 111 5.60 -12.27 9.08
C GLY A 111 5.61 -11.30 7.93
N PHE A 112 6.74 -10.68 7.72
CA PHE A 112 6.93 -9.70 6.66
C PHE A 112 8.41 -9.59 6.32
N VAL A 113 8.64 -9.08 5.13
CA VAL A 113 9.98 -8.85 4.58
C VAL A 113 10.13 -7.36 4.30
N ASP A 114 11.20 -6.78 4.85
CA ASP A 114 11.61 -5.41 4.53
C ASP A 114 12.63 -5.46 3.39
N ILE A 115 12.35 -4.73 2.32
CA ILE A 115 13.13 -4.74 1.08
C ILE A 115 14.33 -3.80 1.24
N PRO A 116 15.51 -4.21 0.72
CA PRO A 116 16.67 -3.33 0.76
C PRO A 116 16.35 -1.96 0.19
N LYS A 117 16.96 -0.93 0.73
CA LYS A 117 16.51 0.44 0.47
C LYS A 117 17.05 1.05 -0.84
N GLN A 118 16.81 0.36 -1.94
CA GLN A 118 17.24 0.81 -3.27
C GLN A 118 16.13 0.50 -4.25
N GLU A 119 16.00 1.34 -5.26
CA GLU A 119 15.01 1.15 -6.32
C GLU A 119 15.23 -0.12 -7.14
N LYS A 120 16.48 -0.55 -7.33
CA LYS A 120 16.75 -1.80 -8.02
C LYS A 120 16.17 -2.98 -7.24
N ALA A 121 16.37 -2.98 -5.93
CA ALA A 121 15.79 -4.02 -5.07
C ALA A 121 14.27 -3.98 -5.08
N LEU A 122 13.69 -2.78 -5.06
CA LEU A 122 12.24 -2.65 -5.12
C LEU A 122 11.67 -3.21 -6.42
N MET A 123 12.34 -2.95 -7.53
CA MET A 123 11.87 -3.46 -8.82
C MET A 123 11.87 -4.98 -8.82
N LYS A 124 12.97 -5.57 -8.30
CA LYS A 124 13.06 -7.04 -8.22
C LYS A 124 11.93 -7.63 -7.36
N ALA A 125 11.64 -6.97 -6.23
CA ALA A 125 10.52 -7.42 -5.37
C ALA A 125 9.17 -7.31 -6.10
N VAL A 126 8.92 -6.17 -6.73
CA VAL A 126 7.66 -5.98 -7.46
C VAL A 126 7.52 -7.05 -8.55
N ALA A 127 8.62 -7.30 -9.28
CA ALA A 127 8.58 -8.29 -10.36
C ALA A 127 8.26 -9.70 -9.91
N THR A 128 8.78 -10.07 -8.73
CA THR A 128 8.72 -11.46 -8.29
C THR A 128 7.64 -11.74 -7.24
N VAL A 129 7.22 -10.74 -6.48
CA VAL A 129 6.36 -10.96 -5.30
C VAL A 129 4.89 -10.61 -5.58
N GLY A 130 4.66 -9.43 -6.14
CA GLY A 130 3.33 -8.85 -6.27
C GLY A 130 3.36 -7.41 -5.77
N PRO A 131 2.17 -6.84 -5.53
CA PRO A 131 2.13 -5.48 -4.96
C PRO A 131 2.90 -5.34 -3.64
N ILE A 132 3.56 -4.20 -3.49
CA ILE A 132 4.46 -3.93 -2.38
C ILE A 132 4.02 -2.66 -1.62
N SER A 133 3.91 -2.76 -0.30
CA SER A 133 3.64 -1.58 0.53
C SER A 133 4.85 -0.66 0.54
N VAL A 134 4.63 0.64 0.34
CA VAL A 134 5.70 1.61 0.33
C VAL A 134 5.32 2.90 1.06
N ALA A 135 6.36 3.54 1.61
CA ALA A 135 6.29 4.86 2.26
C ALA A 135 6.74 5.90 1.23
N ILE A 136 6.00 7.01 1.12
CA ILE A 136 6.42 8.13 0.26
C ILE A 136 6.24 9.47 1.00
N ASP A 137 7.00 10.45 0.56
CA ASP A 137 6.78 11.85 0.92
C ASP A 137 5.65 12.36 0.02
N ALA A 138 4.45 12.48 0.61
CA ALA A 138 3.27 12.97 -0.08
C ALA A 138 2.92 14.40 0.35
N GLY A 139 3.81 15.03 1.12
CA GLY A 139 3.52 16.32 1.77
C GLY A 139 3.80 17.54 0.92
N HIS A 140 3.32 17.50 -0.32
CA HIS A 140 3.41 18.63 -1.23
C HIS A 140 2.09 18.77 -1.96
N GLU A 141 1.63 20.01 -2.10
N GLU A 141 1.59 19.98 -2.12
CA GLU A 141 0.39 20.26 -2.82
CA GLU A 141 0.32 20.15 -2.83
C GLU A 141 0.39 19.69 -4.24
C GLU A 141 0.38 19.65 -4.27
N SER A 142 1.58 19.59 -4.83
CA SER A 142 1.76 18.98 -6.15
C SER A 142 1.22 17.54 -6.16
N PHE A 143 1.35 16.84 -5.05
CA PHE A 143 0.81 15.48 -4.93
C PHE A 143 -0.70 15.52 -4.66
N LEU A 144 -1.12 16.41 -3.77
CA LEU A 144 -2.55 16.59 -3.47
C LEU A 144 -3.38 16.82 -4.73
N PHE A 145 -2.85 17.62 -5.65
CA PHE A 145 -3.58 17.98 -6.86
C PHE A 145 -3.10 17.28 -8.11
N TYR A 146 -2.29 16.23 -7.94
CA TYR A 146 -1.82 15.42 -9.06
C TYR A 146 -3.02 14.93 -9.87
N LYS A 147 -2.92 15.02 -11.20
CA LYS A 147 -3.96 14.55 -12.12
C LYS A 147 -3.53 13.40 -13.05
N GLU A 148 -2.38 13.55 -13.70
CA GLU A 148 -1.96 12.60 -14.73
C GLU A 148 -0.47 12.72 -15.03
N GLY A 149 0.05 11.75 -15.78
CA GLY A 149 1.45 11.74 -16.19
C GLY A 149 2.37 11.25 -15.09
N ILE A 150 3.68 11.40 -15.30
CA ILE A 150 4.68 11.02 -14.28
C ILE A 150 4.84 12.12 -13.24
N TYR A 151 4.60 11.78 -11.99
CA TYR A 151 4.77 12.71 -10.88
C TYR A 151 6.24 12.89 -10.55
N PHE A 152 6.71 14.13 -10.67
CA PHE A 152 8.05 14.51 -10.24
C PHE A 152 8.02 15.84 -9.48
N GLU A 153 8.54 15.81 -8.26
CA GLU A 153 8.58 16.94 -7.34
C GLU A 153 10.00 17.22 -6.87
N PRO A 154 10.67 18.26 -7.42
CA PRO A 154 12.03 18.60 -7.01
C PRO A 154 12.30 18.68 -5.50
N ASP A 155 11.29 19.03 -4.71
CA ASP A 155 11.42 19.25 -3.27
C ASP A 155 11.14 17.98 -2.46
N CYS A 156 10.86 16.87 -3.14
CA CYS A 156 10.49 15.64 -2.44
C CYS A 156 11.67 15.10 -1.61
N SER A 157 11.36 14.55 -0.43
CA SER A 157 12.37 13.97 0.44
C SER A 157 12.46 12.47 0.21
N SER A 158 13.68 11.97 0.17
CA SER A 158 13.95 10.53 0.11
C SER A 158 14.06 9.87 1.49
N GLU A 159 13.97 10.68 2.54
CA GLU A 159 14.13 10.20 3.91
C GLU A 159 12.95 10.48 4.85
N ASP A 160 12.11 11.45 4.48
CA ASP A 160 11.04 11.93 5.37
C ASP A 160 9.66 11.61 4.75
N MET A 161 9.23 10.36 4.87
CA MET A 161 7.99 9.90 4.27
C MET A 161 6.83 10.05 5.28
N ASP A 162 5.64 10.34 4.76
CA ASP A 162 4.47 10.58 5.59
C ASP A 162 3.18 9.95 5.05
N HIS A 163 3.29 9.00 4.13
CA HIS A 163 2.12 8.46 3.49
C HIS A 163 2.43 7.04 3.00
N GLY A 164 1.58 6.10 3.36
CA GLY A 164 1.72 4.69 2.96
C GLY A 164 0.80 4.40 1.77
N VAL A 165 1.38 3.84 0.71
CA VAL A 165 0.65 3.49 -0.50
C VAL A 165 1.15 2.11 -0.99
N LEU A 166 0.76 1.73 -2.20
CA LEU A 166 0.99 0.40 -2.70
C LEU A 166 1.55 0.49 -4.13
N VAL A 167 2.74 -0.06 -4.34
CA VAL A 167 3.26 -0.20 -5.70
C VAL A 167 2.67 -1.48 -6.35
N VAL A 168 1.98 -1.32 -7.47
CA VAL A 168 1.31 -2.45 -8.18
C VAL A 168 2.04 -2.78 -9.48
N GLY A 169 3.08 -2.03 -9.81
CA GLY A 169 3.88 -2.29 -10.98
C GLY A 169 4.83 -1.18 -11.30
N TYR A 170 5.34 -1.19 -12.52
CA TYR A 170 6.31 -0.20 -12.99
C TYR A 170 6.38 -0.29 -14.51
N GLY A 171 6.94 0.74 -15.13
CA GLY A 171 7.07 0.76 -16.57
C GLY A 171 7.69 2.06 -17.03
N PHE A 172 7.42 2.41 -18.28
CA PHE A 172 8.02 3.58 -18.91
C PHE A 172 7.04 4.18 -19.92
N GLU A 173 7.08 5.51 -20.07
CA GLU A 173 6.19 6.21 -21.00
C GLU A 173 6.83 6.36 -22.38
N ASP A 178 12.97 11.95 -21.98
CA ASP A 178 14.30 11.61 -21.47
C ASP A 178 14.21 10.76 -20.20
N ASN A 179 13.57 11.30 -19.16
CA ASN A 179 13.32 10.57 -17.90
C ASN A 179 11.88 10.05 -17.87
N ASN A 180 11.69 8.82 -18.32
CA ASN A 180 10.34 8.34 -18.65
C ASN A 180 9.89 7.10 -17.87
N LYS A 181 10.64 6.71 -16.83
CA LYS A 181 10.27 5.54 -16.03
C LYS A 181 9.43 5.91 -14.83
N TYR A 182 8.54 5.00 -14.46
CA TYR A 182 7.64 5.21 -13.32
C TYR A 182 7.29 3.94 -12.55
N TRP A 183 6.93 4.17 -11.28
CA TRP A 183 6.22 3.21 -10.44
C TRP A 183 4.73 3.42 -10.56
N LEU A 184 3.97 2.33 -10.67
CA LEU A 184 2.52 2.44 -10.71
C LEU A 184 2.04 2.25 -9.28
N VAL A 185 1.42 3.29 -8.75
CA VAL A 185 1.13 3.40 -7.32
C VAL A 185 -0.35 3.59 -7.09
N LYS A 186 -0.93 2.67 -6.32
CA LYS A 186 -2.34 2.73 -5.91
C LYS A 186 -2.41 3.58 -4.65
N ASN A 187 -3.20 4.65 -4.70
CA ASN A 187 -3.48 5.47 -3.54
C ASN A 187 -4.81 5.05 -2.89
N SER A 188 -5.14 5.69 -1.76
CA SER A 188 -6.37 5.40 -1.00
C SER A 188 -7.18 6.69 -0.77
N TRP A 189 -7.25 7.50 -1.81
CA TRP A 189 -7.96 8.78 -1.81
C TRP A 189 -9.14 8.80 -2.78
N GLY A 190 -9.64 7.63 -3.12
CA GLY A 190 -10.78 7.52 -4.04
C GLY A 190 -10.36 7.57 -5.51
N GLU A 191 -11.28 7.21 -6.39
CA GLU A 191 -11.02 7.15 -7.84
C GLU A 191 -10.89 8.50 -8.52
N GLU A 192 -11.42 9.54 -7.89
CA GLU A 192 -11.46 10.87 -8.49
CA GLU A 192 -11.45 10.86 -8.52
C GLU A 192 -10.14 11.65 -8.33
N TRP A 193 -9.23 11.10 -7.54
CA TRP A 193 -7.88 11.63 -7.42
C TRP A 193 -6.98 10.98 -8.43
N GLY A 194 -6.05 11.74 -9.00
CA GLY A 194 -5.07 11.17 -9.93
C GLY A 194 -5.70 10.49 -11.13
N MET A 195 -5.08 9.38 -11.57
CA MET A 195 -5.55 8.60 -12.72
C MET A 195 -6.35 7.42 -12.20
N GLY A 196 -7.63 7.64 -11.99
CA GLY A 196 -8.48 6.59 -11.44
C GLY A 196 -8.05 6.17 -10.05
N GLY A 197 -7.44 7.11 -9.31
CA GLY A 197 -6.94 6.83 -7.96
C GLY A 197 -5.49 6.36 -7.91
N TYR A 198 -4.81 6.32 -9.07
CA TYR A 198 -3.41 5.89 -9.19
C TYR A 198 -2.51 7.07 -9.54
N VAL A 199 -1.23 6.91 -9.22
CA VAL A 199 -0.20 7.88 -9.58
C VAL A 199 1.01 7.17 -10.17
N LYS A 200 1.54 7.72 -11.26
CA LYS A 200 2.79 7.23 -11.81
C LYS A 200 3.88 8.07 -11.16
N MET A 201 4.62 7.45 -10.24
N MET A 201 4.69 7.44 -10.33
CA MET A 201 5.69 8.13 -9.50
CA MET A 201 5.70 8.14 -9.57
C MET A 201 7.00 7.93 -10.26
C MET A 201 7.06 7.90 -10.17
N ALA A 202 7.82 8.98 -10.34
CA ALA A 202 9.12 8.90 -11.04
C ALA A 202 9.99 7.78 -10.49
N LYS A 203 10.51 6.95 -11.38
CA LYS A 203 11.30 5.77 -11.02
C LYS A 203 12.73 5.94 -11.54
N ASP A 204 13.69 5.47 -10.74
CA ASP A 204 15.12 5.52 -11.05
C ASP A 204 15.66 6.95 -11.17
N ARG A 205 15.03 7.84 -10.40
CA ARG A 205 15.49 9.22 -10.27
C ARG A 205 15.82 9.50 -8.81
N ARG A 206 16.85 8.79 -8.33
CA ARG A 206 17.43 9.01 -7.00
C ARG A 206 16.44 8.78 -5.85
N ASN A 207 15.70 7.68 -5.95
CA ASN A 207 14.74 7.27 -4.92
C ASN A 207 13.75 8.40 -4.61
N HIS A 208 13.07 8.84 -5.66
N HIS A 208 13.09 8.87 -5.67
CA HIS A 208 12.26 10.03 -5.55
CA HIS A 208 12.16 9.99 -5.65
C HIS A 208 11.09 9.84 -4.60
C HIS A 208 11.07 9.83 -4.60
N CYS A 209 10.96 10.80 -3.70
CA CYS A 209 9.94 10.78 -2.62
C CYS A 209 10.10 9.62 -1.62
N GLY A 210 11.26 8.96 -1.64
CA GLY A 210 11.58 7.92 -0.68
C GLY A 210 10.86 6.61 -0.91
N ILE A 211 10.42 6.38 -2.14
CA ILE A 211 9.59 5.22 -2.46
C ILE A 211 10.27 3.86 -2.14
N ALA A 212 11.60 3.80 -2.20
CA ALA A 212 12.35 2.57 -1.84
C ALA A 212 12.90 2.56 -0.40
N SER A 213 12.59 3.60 0.38
CA SER A 213 13.17 3.76 1.71
C SER A 213 12.54 2.89 2.81
N ALA A 214 11.28 2.50 2.65
CA ALA A 214 10.56 1.72 3.66
C ALA A 214 9.52 0.84 2.97
N ALA A 215 10.01 -0.04 2.10
CA ALA A 215 9.14 -0.91 1.31
C ALA A 215 9.10 -2.30 1.98
N SER A 216 7.92 -2.90 1.98
CA SER A 216 7.74 -4.21 2.58
C SER A 216 6.50 -4.93 2.08
N TYR A 217 6.43 -6.21 2.45
CA TYR A 217 5.27 -7.03 2.14
C TYR A 217 5.13 -8.16 3.16
N PRO A 218 3.92 -8.69 3.27
CA PRO A 218 3.70 -9.81 4.21
C PRO A 218 4.00 -11.15 3.58
N THR A 219 4.47 -12.08 4.39
CA THR A 219 4.60 -13.47 3.95
C THR A 219 3.32 -14.20 4.39
N VAL A 220 2.87 -15.17 3.58
CA VAL A 220 1.58 -15.83 3.81
C VAL A 220 1.68 -17.34 3.67
C1 YJ9 B . 2.44 7.30 7.60
C2 YJ9 B . 1.00 7.65 7.97
N3 YJ9 B . 0.44 8.63 7.20
C4 YJ9 B . -0.89 9.08 7.31
C5 YJ9 B . -1.79 8.33 6.42
O6 YJ9 B . 0.40 7.04 8.87
C7 YJ9 B . -1.48 9.55 8.64
C8 YJ9 B . -1.18 10.55 7.57
N9 YJ9 B . -3.04 8.56 6.17
N10 YJ9 B . 3.39 7.37 8.68
C11 YJ9 B . 4.13 6.14 8.81
C12 YJ9 B . 3.88 5.37 7.49
C13 YJ9 B . 2.46 5.83 7.14
S14 YJ9 B . 4.96 5.73 6.19
C15 YJ9 B . 6.49 5.27 6.79
C16 YJ9 B . 6.93 3.96 7.01
C17 YJ9 B . 8.20 3.61 7.51
C18 YJ9 B . 9.08 4.62 7.86
C19 YJ9 B . 8.69 5.93 7.68
C20 YJ9 B . 7.44 6.26 7.17
CL YJ9 B . 5.95 2.66 6.62
O22 YJ9 B . 4.56 4.90 5.11
O23 YJ9 B . 4.96 7.13 6.00
C24 YJ9 B . 3.67 8.58 9.24
O25 YJ9 B . 3.06 9.59 8.80
C26 YJ9 B . 6.11 8.81 9.79
C27 YJ9 B . 4.71 8.65 10.32
C28 YJ9 B . 5.45 9.94 10.52
C29 YJ9 B . 4.83 5.86 12.93
C30 YJ9 B . 3.59 6.05 13.54
C31 YJ9 B . 2.74 7.07 13.13
C32 YJ9 B . 3.13 7.89 12.08
C33 YJ9 B . 4.37 7.74 11.44
C34 YJ9 B . 5.22 6.71 11.89
C35 YJ9 B . 3.13 5.17 14.69
F36 YJ9 B . 1.82 5.14 14.92
F37 YJ9 B . 3.43 3.88 14.56
F38 YJ9 B . 3.65 5.56 15.86
H1 YJ9 B . 2.77 7.97 6.75
HN3 YJ9 B . 0.96 9.05 6.47
H7 YJ9 B . -2.52 9.29 8.88
H7A YJ9 B . -0.83 9.52 9.53
H8 YJ9 B . -0.33 11.24 7.70
H8A YJ9 B . -2.02 11.01 7.01
H11 YJ9 B . 5.23 6.35 8.95
H12 YJ9 B . 3.84 4.27 7.72
H13 YJ9 B . 1.70 5.23 7.67
H17 YJ9 B . 8.47 2.56 7.64
H18 YJ9 B . 10.07 4.37 8.26
H19 YJ9 B . 9.38 6.74 7.96
H20 YJ9 B . 7.17 7.33 7.06
H26 YJ9 B . 6.94 8.27 10.28
H28 YJ9 B . 5.79 10.20 11.54
H29 YJ9 B . 5.50 5.06 13.28
H31 YJ9 B . 1.77 7.21 13.61
H32 YJ9 B . 2.45 8.69 11.75
H34 YJ9 B . 6.20 6.56 11.39
H46 YJ9 B . 3.77 5.57 9.70
H49 YJ9 B . 2.28 5.78 6.03
H55 YJ9 B . 6.24 8.86 8.69
H57 YJ9 B . 5.12 10.83 9.95
C1 GOL C . -7.90 13.42 1.47
O1 GOL C . -7.62 13.48 0.07
C2 GOL C . -9.35 12.99 1.70
O2 GOL C . -9.88 13.68 2.86
C3 GOL C . -9.45 11.48 1.90
O3 GOL C . -9.34 10.78 0.65
H11 GOL C . -7.74 14.41 1.92
H12 GOL C . -7.22 12.73 1.96
HO1 GOL C . -7.74 12.60 -0.32
H2 GOL C . -9.94 13.27 0.82
H31 GOL C . -10.41 11.25 2.35
H32 GOL C . -8.66 11.14 2.58
#